data_8ZVD
#
_entry.id   8ZVD
#
_cell.length_a   49.848
_cell.length_b   64.288
_cell.length_c   64.401
_cell.angle_alpha   90.000
_cell.angle_beta   90.578
_cell.angle_gamma   90.000
#
_symmetry.space_group_name_H-M   'P 1 21 1'
#
loop_
_entity.id
_entity.type
_entity.pdbx_description
1 polymer ShosT
2 non-polymer 'PHOSPHATE ION'
3 water water
#
_entity_poly.entity_id   1
_entity_poly.type   'polypeptide(L)'
_entity_poly.pdbx_seq_one_letter_code
;GASGSMNNMYLKAVIFSIADVVLPLTSNTQPQELKSRIDSELRKLFAFLSSKGIKVIFLTNKNRNVRTHDGIVTLDEYLK
RKFPESIHFCRELDNNIPAKQTGKAIDFIMAALELKRNEMIYVGRSQEDLQAATNGNTLFINATWYEPVTEYGFQFSEPK
EIARFIDVFCLREQLWGWQGHFNEDVHYYALAPFSTYVPEFTMYSANARDLAKLSVGSPDFWIRYLGASIYFSGLSEGAS
FITTYVGHNAEDPYKLANIMEHDLKGLAVSFKGKYLKDLFLRHTTAIKSQQARIAKQEVNITSQINTVNLNPAPIKNLIT
GERYTNPPKLKGKKILVIDDFCTEGNAHETARMYLKAAGANVINISWLKTINRDVSICEPTRKIRPWEANTLDVDDINYV
GTIGYAENVTHGSAPQVLSEKIQQYDNWDWPQ
;
_entity_poly.pdbx_strand_id   A
#
loop_
_chem_comp.id
_chem_comp.type
_chem_comp.name
_chem_comp.formula
PO4 non-polymer 'PHOSPHATE ION' 'O4 P -3'
#
# COMPACT_ATOMS: atom_id res chain seq x y z
N MET A 9 -18.99 -6.32 0.24
CA MET A 9 -17.97 -5.85 1.20
C MET A 9 -16.61 -6.50 0.91
N TYR A 10 -15.57 -5.68 0.88
CA TYR A 10 -14.21 -6.18 0.91
C TYR A 10 -13.73 -6.41 2.33
N LEU A 11 -14.01 -5.46 3.22
CA LEU A 11 -13.56 -5.50 4.60
C LEU A 11 -14.69 -5.99 5.48
N LYS A 12 -14.46 -7.09 6.19
CA LYS A 12 -15.49 -7.68 7.04
C LYS A 12 -15.11 -7.75 8.50
N ALA A 13 -13.84 -7.54 8.85
CA ALA A 13 -13.43 -7.53 10.25
C ALA A 13 -12.14 -6.74 10.40
N VAL A 14 -12.03 -6.03 11.51
CA VAL A 14 -10.80 -5.33 11.86
C VAL A 14 -10.31 -5.92 13.17
N ILE A 15 -9.07 -6.40 13.17
CA ILE A 15 -8.40 -6.92 14.37
C ILE A 15 -7.69 -5.77 15.06
N PHE A 16 -7.84 -5.68 16.39
CA PHE A 16 -7.13 -4.71 17.21
C PHE A 16 -6.31 -5.46 18.25
N SER A 17 -5.02 -5.12 18.34
CA SER A 17 -4.19 -5.55 19.45
C SER A 17 -4.24 -4.50 20.54
N ILE A 18 -3.68 -4.83 21.69
CA ILE A 18 -3.85 -3.98 22.88
C ILE A 18 -2.69 -3.01 23.04
N ALA A 19 -1.46 -3.51 22.98
CA ALA A 19 -0.30 -2.75 23.43
C ALA A 19 -0.13 -1.47 22.61
N ASP A 20 -0.23 -0.32 23.29
CA ASP A 20 -0.06 1.01 22.68
C ASP A 20 -1.08 1.25 21.58
N VAL A 21 -2.23 0.59 21.69
CA VAL A 21 -3.35 0.76 20.77
C VAL A 21 -4.59 1.02 21.61
N VAL A 22 -5.04 -0.03 22.31
CA VAL A 22 -6.20 0.11 23.20
C VAL A 22 -5.76 0.62 24.57
N LEU A 23 -4.60 0.15 25.05
CA LEU A 23 -4.03 0.57 26.32
C LEU A 23 -2.59 1.01 26.13
N PRO A 24 -2.19 2.16 26.67
CA PRO A 24 -0.77 2.54 26.61
C PRO A 24 0.05 1.71 27.57
N LEU A 25 1.06 1.03 27.04
CA LEU A 25 1.87 0.10 27.81
C LEU A 25 3.32 0.53 27.92
N THR A 26 3.97 0.83 26.80
CA THR A 26 5.37 1.22 26.81
C THR A 26 5.61 2.35 27.79
N SER A 27 4.82 3.41 27.68
CA SER A 27 4.95 4.61 28.50
C SER A 27 3.84 4.63 29.55
N ASN A 28 4.14 5.23 30.69
CA ASN A 28 3.08 5.55 31.65
C ASN A 28 3.20 7.02 32.05
N THR A 29 3.64 7.86 31.11
CA THR A 29 3.92 9.27 31.28
C THR A 29 3.18 10.08 30.22
N GLN A 30 2.03 9.57 29.77
CA GLN A 30 1.29 10.14 28.65
C GLN A 30 0.58 11.42 29.07
N PRO A 31 0.21 12.29 28.13
CA PRO A 31 -0.66 13.42 28.49
C PRO A 31 -1.91 12.92 29.21
N GLN A 32 -2.24 13.58 30.31
CA GLN A 32 -3.30 13.07 31.19
C GLN A 32 -4.66 13.02 30.51
N GLU A 33 -4.90 13.84 29.50
CA GLU A 33 -6.18 13.87 28.80
C GLU A 33 -6.24 12.94 27.60
N LEU A 34 -5.11 12.37 27.18
CA LEU A 34 -5.05 11.63 25.93
C LEU A 34 -5.79 10.29 26.02
N LYS A 35 -5.56 9.52 27.08
CA LYS A 35 -6.17 8.19 27.15
C LYS A 35 -7.68 8.28 27.07
N SER A 36 -8.28 9.28 27.75
CA SER A 36 -9.74 9.42 27.69
C SER A 36 -10.19 9.81 26.29
N ARG A 37 -9.45 10.71 25.63
CA ARG A 37 -9.79 11.07 24.26
C ARG A 37 -9.72 9.86 23.35
N ILE A 38 -8.65 9.06 23.49
CA ILE A 38 -8.50 7.88 22.64
C ILE A 38 -9.63 6.89 22.88
N ASP A 39 -10.02 6.68 24.14
CA ASP A 39 -11.15 5.79 24.43
C ASP A 39 -12.43 6.28 23.77
N SER A 40 -12.67 7.58 23.82
CA SER A 40 -13.82 8.17 23.14
C SER A 40 -13.76 7.93 21.64
N GLU A 41 -12.57 8.14 21.04
CA GLU A 41 -12.43 7.97 19.60
C GLU A 41 -12.50 6.49 19.20
N LEU A 42 -11.97 5.59 20.04
CA LEU A 42 -12.12 4.17 19.77
C LEU A 42 -13.58 3.76 19.77
N ARG A 43 -14.38 4.29 20.71
CA ARG A 43 -15.80 3.96 20.70
C ARG A 43 -16.46 4.44 19.41
N LYS A 44 -16.09 5.63 18.94
CA LYS A 44 -16.60 6.11 17.66
C LYS A 44 -16.18 5.18 16.53
N LEU A 45 -14.93 4.74 16.54
CA LEU A 45 -14.45 3.86 15.48
C LEU A 45 -15.21 2.54 15.49
N PHE A 46 -15.41 1.97 16.68
CA PHE A 46 -16.07 0.68 16.74
C PHE A 46 -17.53 0.81 16.35
N ALA A 47 -18.18 1.92 16.71
CA ALA A 47 -19.57 2.14 16.34
C ALA A 47 -19.69 2.35 14.84
N PHE A 48 -18.73 3.09 14.25
CA PHE A 48 -18.68 3.23 12.80
C PHE A 48 -18.57 1.86 12.12
N LEU A 49 -17.66 1.03 12.61
CA LEU A 49 -17.48 -0.28 12.00
C LEU A 49 -18.76 -1.09 12.11
N SER A 50 -19.38 -1.09 13.29
CA SER A 50 -20.65 -1.78 13.47
C SER A 50 -21.70 -1.27 12.49
N SER A 51 -21.75 0.04 12.27
CA SER A 51 -22.73 0.60 11.36
C SER A 51 -22.54 0.14 9.93
N LYS A 52 -21.35 -0.33 9.59
CA LYS A 52 -21.05 -0.84 8.26
C LYS A 52 -21.08 -2.36 8.21
N GLY A 53 -21.46 -3.02 9.30
CA GLY A 53 -21.44 -4.47 9.35
C GLY A 53 -20.07 -5.10 9.48
N ILE A 54 -19.09 -4.36 9.97
CA ILE A 54 -17.72 -4.84 10.09
C ILE A 54 -17.48 -5.23 11.53
N LYS A 55 -16.94 -6.43 11.73
CA LYS A 55 -16.72 -6.95 13.08
C LYS A 55 -15.46 -6.33 13.69
N VAL A 56 -15.50 -6.17 15.01
CA VAL A 56 -14.37 -5.68 15.80
C VAL A 56 -13.84 -6.84 16.62
N ILE A 57 -12.56 -7.18 16.41
CA ILE A 57 -11.89 -8.31 17.07
C ILE A 57 -10.75 -7.75 17.90
N PHE A 58 -10.67 -8.19 19.16
CA PHE A 58 -9.49 -8.00 19.99
C PHE A 58 -8.73 -9.32 20.02
N LEU A 59 -7.48 -9.31 19.59
CA LEU A 59 -6.63 -10.51 19.55
C LEU A 59 -5.52 -10.31 20.56
N THR A 60 -5.52 -11.15 21.59
CA THR A 60 -4.66 -10.93 22.74
C THR A 60 -4.05 -12.24 23.18
N ASN A 61 -2.94 -12.12 23.90
CA ASN A 61 -2.22 -13.27 24.43
C ASN A 61 -2.60 -13.54 25.88
N LYS A 62 -2.36 -12.58 26.76
CA LYS A 62 -2.66 -12.74 28.18
C LYS A 62 -3.93 -12.00 28.55
N ASN A 63 -4.73 -12.60 29.43
CA ASN A 63 -5.87 -11.94 30.06
C ASN A 63 -5.36 -11.06 31.20
N ARG A 64 -4.50 -10.11 30.83
CA ARG A 64 -3.73 -9.32 31.79
C ARG A 64 -4.63 -8.50 32.70
N ASN A 65 -4.13 -8.21 33.90
CA ASN A 65 -4.82 -7.28 34.77
C ASN A 65 -4.74 -5.87 34.21
N VAL A 66 -5.82 -5.11 34.43
CA VAL A 66 -5.92 -3.73 33.96
C VAL A 66 -6.34 -2.87 35.13
N ARG A 67 -5.52 -1.85 35.45
CA ARG A 67 -5.84 -0.91 36.51
C ARG A 67 -6.87 0.10 36.02
N THR A 68 -7.99 0.19 36.73
CA THR A 68 -9.02 1.19 36.46
C THR A 68 -9.23 2.05 37.70
N HIS A 69 -10.04 3.09 37.54
CA HIS A 69 -10.36 3.95 38.68
C HIS A 69 -11.06 3.17 39.78
N ASP A 70 -11.92 2.21 39.40
CA ASP A 70 -12.68 1.43 40.37
C ASP A 70 -11.87 0.28 40.98
N GLY A 71 -10.71 -0.04 40.39
CA GLY A 71 -9.89 -1.14 40.85
C GLY A 71 -9.35 -1.92 39.67
N ILE A 72 -8.74 -3.06 39.96
CA ILE A 72 -8.14 -3.89 38.92
C ILE A 72 -9.18 -4.88 38.41
N VAL A 73 -9.18 -5.07 37.09
CA VAL A 73 -10.06 -6.03 36.43
C VAL A 73 -9.22 -6.81 35.42
N THR A 74 -9.79 -7.90 34.92
CA THR A 74 -9.13 -8.62 33.85
C THR A 74 -9.35 -7.90 32.51
N LEU A 75 -8.46 -8.19 31.56
CA LEU A 75 -8.59 -7.58 30.24
C LEU A 75 -9.94 -7.92 29.61
N ASP A 76 -10.36 -9.17 29.72
CA ASP A 76 -11.66 -9.53 29.16
C ASP A 76 -12.78 -8.74 29.80
N GLU A 77 -12.76 -8.57 31.12
CA GLU A 77 -13.78 -7.75 31.76
C GLU A 77 -13.69 -6.29 31.30
N TYR A 78 -12.46 -5.78 31.18
CA TYR A 78 -12.27 -4.41 30.76
C TYR A 78 -12.85 -4.18 29.37
N LEU A 79 -12.50 -5.06 28.43
CA LEU A 79 -12.93 -4.86 27.06
C LEU A 79 -14.43 -5.02 26.92
N LYS A 80 -15.01 -5.99 27.61
CA LYS A 80 -16.44 -6.25 27.47
CA LYS A 80 -16.44 -6.25 27.47
C LYS A 80 -17.27 -5.13 28.07
N ARG A 81 -16.78 -4.48 29.12
CA ARG A 81 -17.55 -3.38 29.70
C ARG A 81 -17.34 -2.10 28.91
N LYS A 82 -16.15 -1.86 28.38
CA LYS A 82 -15.91 -0.63 27.67
C LYS A 82 -16.29 -0.68 26.19
N PHE A 83 -16.07 -1.84 25.56
CA PHE A 83 -16.33 -2.03 24.13
C PHE A 83 -17.14 -3.31 23.94
N PRO A 84 -18.41 -3.30 24.35
CA PRO A 84 -19.16 -4.56 24.42
C PRO A 84 -19.41 -5.19 23.08
N GLU A 85 -19.42 -4.39 22.01
CA GLU A 85 -19.75 -4.95 20.71
C GLU A 85 -18.47 -5.35 20.00
N SER A 86 -17.93 -6.49 20.39
CA SER A 86 -16.62 -6.91 19.95
C SER A 86 -16.50 -8.40 20.19
N ILE A 87 -15.45 -8.99 19.61
CA ILE A 87 -15.09 -10.39 19.75
C ILE A 87 -13.68 -10.46 20.33
N HIS A 88 -13.54 -11.07 21.51
CA HIS A 88 -12.24 -11.13 22.19
C HIS A 88 -11.68 -12.54 22.05
N PHE A 89 -10.69 -12.69 21.20
CA PHE A 89 -9.94 -13.93 21.04
C PHE A 89 -8.69 -13.79 21.89
N CYS A 90 -8.71 -14.42 23.07
CA CYS A 90 -7.64 -14.32 24.06
C CYS A 90 -7.01 -15.69 24.27
N ARG A 91 -5.71 -15.80 23.98
CA ARG A 91 -5.05 -17.11 24.04
C ARG A 91 -5.09 -17.71 25.44
N GLU A 92 -4.94 -16.87 26.47
CA GLU A 92 -4.98 -17.40 27.82
C GLU A 92 -6.34 -18.00 28.17
N LEU A 93 -7.41 -17.59 27.49
CA LEU A 93 -8.74 -18.10 27.72
C LEU A 93 -9.17 -19.16 26.71
N ASP A 94 -8.33 -19.46 25.72
CA ASP A 94 -8.73 -20.40 24.66
C ASP A 94 -7.46 -20.99 24.06
N ASN A 95 -7.14 -22.24 24.44
CA ASN A 95 -5.93 -22.90 23.96
C ASN A 95 -5.98 -23.24 22.49
N ASN A 96 -7.13 -23.06 21.83
CA ASN A 96 -7.21 -23.32 20.41
C ASN A 96 -6.56 -22.23 19.57
N ILE A 97 -6.29 -21.07 20.14
CA ILE A 97 -5.73 -19.95 19.39
C ILE A 97 -4.21 -20.08 19.30
N PRO A 98 -3.64 -20.17 18.10
CA PRO A 98 -2.19 -20.29 17.96
C PRO A 98 -1.46 -19.03 18.41
N ALA A 99 -0.15 -19.18 18.64
CA ALA A 99 0.68 -18.05 19.04
C ALA A 99 0.61 -16.96 17.99
N LYS A 100 0.47 -15.71 18.44
CA LYS A 100 0.19 -14.62 17.50
C LYS A 100 1.35 -14.42 16.53
N GLN A 101 2.59 -14.39 17.03
CA GLN A 101 3.69 -13.95 16.19
C GLN A 101 3.98 -14.93 15.06
N THR A 102 3.48 -16.17 15.13
CA THR A 102 3.63 -17.12 14.03
C THR A 102 2.79 -16.75 12.81
N GLY A 103 1.82 -15.86 12.98
CA GLY A 103 0.86 -15.58 11.94
C GLY A 103 -0.33 -16.51 11.93
N LYS A 104 -0.29 -17.60 12.68
CA LYS A 104 -1.35 -18.59 12.56
C LYS A 104 -2.62 -18.20 13.29
N ALA A 105 -2.57 -17.21 14.18
CA ALA A 105 -3.80 -16.71 14.77
C ALA A 105 -4.71 -16.11 13.72
N ILE A 106 -4.14 -15.56 12.63
CA ILE A 106 -4.95 -15.10 11.51
C ILE A 106 -5.71 -16.27 10.90
N ASP A 107 -5.00 -17.38 10.64
CA ASP A 107 -5.67 -18.57 10.10
CA ASP A 107 -5.67 -18.56 10.10
C ASP A 107 -6.79 -19.03 11.02
N PHE A 108 -6.57 -18.98 12.33
CA PHE A 108 -7.61 -19.35 13.28
C PHE A 108 -8.83 -18.46 13.13
N ILE A 109 -8.63 -17.15 13.03
CA ILE A 109 -9.76 -16.22 12.91
C ILE A 109 -10.49 -16.45 11.59
N MET A 110 -9.74 -16.66 10.51
CA MET A 110 -10.37 -16.95 9.22
C MET A 110 -11.35 -18.12 9.33
N ALA A 111 -10.92 -19.19 10.00
CA ALA A 111 -11.78 -20.37 10.10
C ALA A 111 -12.93 -20.13 11.05
N ALA A 112 -12.66 -19.48 12.18
CA ALA A 112 -13.70 -19.24 13.19
C ALA A 112 -14.82 -18.37 12.65
N LEU A 113 -14.48 -17.34 11.87
CA LEU A 113 -15.46 -16.38 11.36
C LEU A 113 -15.81 -16.59 9.90
N GLU A 114 -15.22 -17.60 9.26
CA GLU A 114 -15.43 -17.91 7.85
C GLU A 114 -15.18 -16.68 6.99
N LEU A 115 -13.96 -16.15 7.12
CA LEU A 115 -13.52 -14.99 6.36
C LEU A 115 -12.26 -15.32 5.58
N LYS A 116 -12.11 -14.65 4.42
CA LYS A 116 -10.86 -14.69 3.69
C LYS A 116 -9.79 -13.85 4.37
N ARG A 117 -8.53 -14.14 4.05
CA ARG A 117 -7.41 -13.44 4.67
C ARG A 117 -7.48 -11.94 4.42
N ASN A 118 -7.76 -11.53 3.18
CA ASN A 118 -7.81 -10.12 2.83
C ASN A 118 -9.21 -9.55 2.97
N GLU A 119 -10.05 -10.17 3.80
CA GLU A 119 -11.26 -9.54 4.30
C GLU A 119 -11.04 -8.97 5.71
N MET A 120 -9.79 -8.96 6.18
CA MET A 120 -9.46 -8.41 7.48
C MET A 120 -8.20 -7.58 7.37
N ILE A 121 -8.07 -6.63 8.30
CA ILE A 121 -6.86 -5.85 8.50
C ILE A 121 -6.56 -5.88 10.00
N TYR A 122 -5.33 -5.49 10.36
CA TYR A 122 -4.79 -5.74 11.69
C TYR A 122 -4.18 -4.45 12.22
N VAL A 123 -4.80 -3.88 13.24
CA VAL A 123 -4.34 -2.63 13.85
C VAL A 123 -3.41 -2.96 15.01
N GLY A 124 -2.18 -2.47 14.95
CA GLY A 124 -1.24 -2.75 16.03
C GLY A 124 -0.15 -1.70 16.07
N ARG A 125 0.76 -1.87 17.03
CA ARG A 125 1.90 -0.96 17.16
C ARG A 125 3.20 -1.70 17.52
N SER A 126 3.12 -2.65 18.44
CA SER A 126 4.33 -3.33 18.87
C SER A 126 4.93 -4.14 17.73
N GLN A 127 6.25 -4.40 17.83
CA GLN A 127 6.91 -5.28 16.87
C GLN A 127 6.29 -6.67 16.90
N GLU A 128 5.82 -7.12 18.07
CA GLU A 128 5.19 -8.43 18.16
C GLU A 128 3.89 -8.48 17.35
N ASP A 129 3.12 -7.39 17.37
CA ASP A 129 1.89 -7.34 16.59
C ASP A 129 2.16 -7.11 15.11
N LEU A 130 3.22 -6.36 14.77
CA LEU A 130 3.63 -6.27 13.37
C LEU A 130 3.97 -7.66 12.82
N GLN A 131 4.64 -8.49 13.61
CA GLN A 131 4.98 -9.83 13.15
C GLN A 131 3.73 -10.70 13.05
N ALA A 132 2.82 -10.58 14.01
CA ALA A 132 1.60 -11.36 13.95
C ALA A 132 0.82 -11.06 12.68
N ALA A 133 0.70 -9.78 12.33
CA ALA A 133 -0.06 -9.40 11.15
C ALA A 133 0.67 -9.83 9.88
N THR A 134 1.96 -9.54 9.79
CA THR A 134 2.67 -9.76 8.52
C THR A 134 2.98 -11.23 8.30
N ASN A 135 3.31 -11.98 9.36
CA ASN A 135 3.49 -13.42 9.19
C ASN A 135 2.18 -14.12 8.89
N GLY A 136 1.05 -13.50 9.23
CA GLY A 136 -0.25 -13.95 8.79
C GLY A 136 -0.71 -13.32 7.50
N ASN A 137 0.18 -12.58 6.83
CA ASN A 137 -0.10 -11.93 5.53
C ASN A 137 -1.42 -11.17 5.54
N THR A 138 -1.65 -10.42 6.62
N THR A 138 -1.66 -10.43 6.62
CA THR A 138 -2.75 -9.47 6.72
CA THR A 138 -2.75 -9.48 6.71
C THR A 138 -2.18 -8.06 6.75
C THR A 138 -2.17 -8.07 6.72
N LEU A 139 -2.94 -7.12 6.20
CA LEU A 139 -2.48 -5.73 6.13
C LEU A 139 -2.33 -5.13 7.52
N PHE A 140 -1.13 -4.65 7.81
CA PHE A 140 -0.84 -4.04 9.11
C PHE A 140 -1.17 -2.56 9.09
N ILE A 141 -1.95 -2.12 10.07
CA ILE A 141 -2.38 -0.73 10.26
C ILE A 141 -1.66 -0.21 11.50
N ASN A 142 -0.60 0.58 11.27
CA ASN A 142 0.33 1.00 12.31
C ASN A 142 -0.27 2.19 13.07
N ALA A 143 -0.73 1.92 14.29
CA ALA A 143 -1.38 2.92 15.13
C ALA A 143 -0.32 3.62 15.96
N THR A 144 -0.20 4.93 15.79
CA THR A 144 0.90 5.68 16.39
C THR A 144 0.42 6.77 17.35
N TRP A 145 -0.78 6.63 17.90
CA TRP A 145 -1.28 7.66 18.79
C TRP A 145 -0.68 7.61 20.18
N TYR A 146 -0.13 6.48 20.59
CA TYR A 146 0.53 6.36 21.89
C TYR A 146 2.05 6.31 21.79
N GLU A 147 2.61 5.68 20.76
CA GLU A 147 4.06 5.60 20.58
C GLU A 147 4.38 5.99 19.15
N PRO A 148 5.12 7.08 18.94
CA PRO A 148 5.37 7.53 17.56
C PRO A 148 6.30 6.59 16.82
N VAL A 149 6.26 6.70 15.49
CA VAL A 149 7.16 5.99 14.60
C VAL A 149 7.79 7.00 13.65
N THR A 150 9.12 7.01 13.59
CA THR A 150 9.83 7.94 12.71
C THR A 150 10.47 7.26 11.50
N GLU A 151 10.62 5.94 11.52
CA GLU A 151 11.39 5.26 10.49
C GLU A 151 10.64 5.20 9.16
N TYR A 152 9.32 5.11 9.18
CA TYR A 152 8.56 5.00 7.94
C TYR A 152 7.14 5.49 8.16
N GLY A 153 6.41 5.65 7.07
CA GLY A 153 5.06 6.19 7.07
C GLY A 153 4.01 5.12 6.95
N PHE A 154 2.92 5.43 6.23
CA PHE A 154 1.72 4.59 6.17
C PHE A 154 1.22 4.32 7.59
N GLN A 155 1.25 5.37 8.42
CA GLN A 155 0.84 5.30 9.81
C GLN A 155 -0.57 5.85 9.95
N PHE A 156 -1.14 5.62 11.13
CA PHE A 156 -2.48 6.07 11.48
C PHE A 156 -2.37 6.70 12.86
N SER A 157 -2.39 8.05 12.87
CA SER A 157 -2.02 8.82 14.05
C SER A 157 -3.14 8.94 15.07
N GLU A 158 -4.36 8.57 14.72
CA GLU A 158 -5.46 8.55 15.65
C GLU A 158 -6.55 7.65 15.09
N PRO A 159 -7.46 7.18 15.93
CA PRO A 159 -8.48 6.24 15.44
C PRO A 159 -9.30 6.78 14.29
N LYS A 160 -9.57 8.09 14.27
CA LYS A 160 -10.32 8.70 13.17
C LYS A 160 -9.67 8.45 11.82
N GLU A 161 -8.34 8.35 11.77
CA GLU A 161 -7.66 8.09 10.51
C GLU A 161 -7.97 6.70 9.96
N ILE A 162 -8.20 5.72 10.85
CA ILE A 162 -8.58 4.38 10.41
C ILE A 162 -9.97 4.40 9.80
N ALA A 163 -10.91 5.12 10.42
CA ALA A 163 -12.25 5.21 9.85
C ALA A 163 -12.23 5.95 8.52
N ARG A 164 -11.43 7.00 8.41
CA ARG A 164 -11.31 7.72 7.14
C ARG A 164 -10.75 6.82 6.05
N PHE A 165 -9.71 6.05 6.38
CA PHE A 165 -9.15 5.08 5.43
C PHE A 165 -10.21 4.10 4.98
N ILE A 166 -10.97 3.53 5.93
CA ILE A 166 -11.95 2.52 5.58
C ILE A 166 -13.07 3.13 4.76
N ASP A 167 -13.64 4.23 5.23
CA ASP A 167 -14.81 4.83 4.57
C ASP A 167 -14.48 5.27 3.15
N VAL A 168 -13.29 5.85 2.94
CA VAL A 168 -12.99 6.44 1.65
C VAL A 168 -12.50 5.40 0.64
N PHE A 169 -11.71 4.41 1.09
CA PHE A 169 -11.01 3.53 0.16
C PHE A 169 -11.44 2.07 0.20
N CYS A 170 -12.20 1.63 1.23
CA CYS A 170 -12.41 0.21 1.41
C CYS A 170 -13.86 -0.25 1.25
N LEU A 171 -14.81 0.66 1.09
CA LEU A 171 -16.22 0.28 1.02
C LEU A 171 -16.81 0.36 -0.37
N ARG A 172 -16.11 0.95 -1.34
CA ARG A 172 -16.61 1.04 -2.71
C ARG A 172 -16.39 -0.27 -3.47
N GLU A 173 -17.27 -0.54 -4.42
CA GLU A 173 -17.13 -1.76 -5.22
C GLU A 173 -15.86 -1.74 -6.05
N GLN A 174 -15.51 -0.58 -6.60
CA GLN A 174 -14.39 -0.47 -7.53
C GLN A 174 -13.14 -0.02 -6.78
N LEU A 175 -12.13 -0.88 -6.76
CA LEU A 175 -10.82 -0.55 -6.22
C LEU A 175 -9.89 0.03 -7.28
N TRP A 176 -10.13 -0.31 -8.54
CA TRP A 176 -9.36 0.22 -9.66
C TRP A 176 -10.30 0.90 -10.64
N GLY A 177 -9.86 2.03 -11.19
CA GLY A 177 -10.66 2.70 -12.21
C GLY A 177 -10.45 2.17 -13.60
N TRP A 178 -9.37 1.41 -13.81
CA TRP A 178 -8.95 0.92 -15.10
C TRP A 178 -7.96 -0.21 -14.82
N GLN A 179 -8.10 -1.31 -15.56
CA GLN A 179 -7.19 -2.43 -15.42
C GLN A 179 -7.30 -3.33 -16.64
N GLY A 180 -6.17 -3.93 -17.00
CA GLY A 180 -6.11 -4.75 -18.20
C GLY A 180 -4.96 -5.72 -18.13
N HIS A 181 -5.01 -6.72 -18.99
CA HIS A 181 -3.99 -7.75 -19.06
C HIS A 181 -3.70 -8.08 -20.51
N PHE A 182 -2.48 -8.52 -20.77
CA PHE A 182 -2.09 -8.94 -22.11
C PHE A 182 -1.17 -10.14 -22.00
N ASN A 183 -1.39 -11.13 -22.88
CA ASN A 183 -0.67 -12.40 -22.77
C ASN A 183 -0.78 -12.83 -21.32
N GLU A 184 0.25 -13.47 -20.78
CA GLU A 184 0.20 -13.96 -19.41
C GLU A 184 1.08 -13.17 -18.45
N ASP A 185 1.85 -12.20 -18.92
CA ASP A 185 2.83 -11.53 -18.08
C ASP A 185 2.69 -10.02 -18.08
N VAL A 186 1.60 -9.49 -18.63
CA VAL A 186 1.37 -8.05 -18.67
C VAL A 186 0.11 -7.77 -17.87
N HIS A 187 0.24 -6.95 -16.83
CA HIS A 187 -0.85 -6.71 -15.88
C HIS A 187 -0.80 -5.25 -15.47
N TYR A 188 -1.79 -4.48 -15.91
CA TYR A 188 -1.86 -3.06 -15.67
C TYR A 188 -3.06 -2.72 -14.81
N TYR A 189 -2.83 -1.84 -13.83
CA TYR A 189 -3.85 -1.33 -12.92
C TYR A 189 -3.66 0.17 -12.75
N ALA A 190 -4.77 0.91 -12.67
CA ALA A 190 -4.73 2.33 -12.36
C ALA A 190 -5.83 2.70 -11.38
N LEU A 191 -5.49 3.53 -10.40
CA LEU A 191 -6.47 3.87 -9.36
C LEU A 191 -7.64 4.65 -9.93
N ALA A 192 -7.37 5.69 -10.71
CA ALA A 192 -8.44 6.56 -11.19
C ALA A 192 -8.16 7.07 -12.59
N PRO A 193 -9.20 7.32 -13.38
CA PRO A 193 -9.01 8.00 -14.66
C PRO A 193 -8.66 9.47 -14.46
N PHE A 194 -8.01 10.05 -15.47
CA PHE A 194 -7.52 11.41 -15.38
C PHE A 194 -7.62 12.07 -16.75
N SER A 195 -8.06 13.34 -16.75
CA SER A 195 -8.05 14.14 -17.96
C SER A 195 -7.77 15.59 -17.57
N THR A 196 -6.96 16.26 -18.37
CA THR A 196 -6.63 17.66 -18.13
C THR A 196 -6.71 18.43 -19.44
N TYR A 197 -6.55 19.75 -19.34
CA TYR A 197 -6.59 20.64 -20.50
C TYR A 197 -5.34 21.49 -20.61
N VAL A 198 -4.25 21.07 -20.00
CA VAL A 198 -2.94 21.71 -20.16
C VAL A 198 -1.97 20.68 -20.68
N PRO A 199 -0.87 21.12 -21.30
CA PRO A 199 -0.05 20.17 -22.09
C PRO A 199 0.78 19.23 -21.25
N GLU A 200 1.46 19.72 -20.21
CA GLU A 200 2.33 18.87 -19.39
C GLU A 200 2.04 19.15 -17.92
N PHE A 201 0.91 18.61 -17.46
CA PHE A 201 0.50 18.70 -16.07
C PHE A 201 1.54 18.07 -15.16
N THR A 202 2.02 18.83 -14.18
CA THR A 202 3.02 18.34 -13.24
C THR A 202 2.35 17.85 -11.96
N MET A 203 2.87 16.74 -11.44
CA MET A 203 2.43 16.23 -10.14
C MET A 203 3.17 16.87 -8.97
N TYR A 204 4.26 17.59 -9.23
CA TYR A 204 5.06 18.22 -8.21
C TYR A 204 5.93 19.28 -8.86
N SER A 205 6.35 20.25 -8.06
CA SER A 205 7.06 21.41 -8.60
C SER A 205 8.43 21.03 -9.14
N ALA A 206 8.99 21.92 -9.95
CA ALA A 206 10.29 21.67 -10.57
C ALA A 206 11.39 21.53 -9.52
N ASN A 207 11.30 22.31 -8.45
CA ASN A 207 12.29 22.24 -7.37
C ASN A 207 11.59 22.11 -6.02
N ALA A 212 9.67 19.17 -1.71
CA ALA A 212 8.74 19.01 -2.82
C ALA A 212 7.40 18.42 -2.35
N LYS A 213 6.31 19.04 -2.83
CA LYS A 213 4.95 18.67 -2.46
C LYS A 213 4.21 18.22 -3.69
N LEU A 214 3.09 17.51 -3.50
CA LEU A 214 2.31 17.04 -4.63
C LEU A 214 1.29 18.09 -5.06
N SER A 215 1.02 18.12 -6.38
CA SER A 215 0.03 19.06 -6.90
C SER A 215 -1.37 18.50 -6.80
N VAL A 216 -1.53 17.19 -6.98
CA VAL A 216 -2.81 16.50 -6.89
C VAL A 216 -2.76 15.58 -5.68
N GLY A 217 -3.69 15.77 -4.76
CA GLY A 217 -3.73 14.91 -3.58
C GLY A 217 -2.57 15.17 -2.63
N SER A 218 -2.18 14.11 -1.91
CA SER A 218 -1.15 14.23 -0.90
C SER A 218 -0.54 12.85 -0.70
N PRO A 219 0.66 12.77 -0.11
CA PRO A 219 1.28 11.45 0.10
C PRO A 219 0.41 10.50 0.90
N ASP A 220 -0.24 10.99 1.97
CA ASP A 220 -1.09 10.12 2.77
C ASP A 220 -2.30 9.66 1.97
N PHE A 221 -2.88 10.54 1.15
CA PHE A 221 -4.01 10.14 0.33
C PHE A 221 -3.63 9.02 -0.63
N TRP A 222 -2.49 9.18 -1.34
CA TRP A 222 -2.13 8.21 -2.36
C TRP A 222 -1.66 6.89 -1.76
N ILE A 223 -0.93 6.94 -0.66
CA ILE A 223 -0.46 5.66 -0.11
C ILE A 223 -1.63 4.88 0.44
N ARG A 224 -2.65 5.57 0.96
CA ARG A 224 -3.83 4.87 1.49
C ARG A 224 -4.67 4.31 0.36
N TYR A 225 -4.87 5.09 -0.70
CA TYR A 225 -5.54 4.58 -1.90
C TYR A 225 -4.83 3.35 -2.44
N LEU A 226 -3.52 3.45 -2.63
CA LEU A 226 -2.74 2.33 -3.13
C LEU A 226 -2.85 1.12 -2.21
N GLY A 227 -2.64 1.34 -0.91
CA GLY A 227 -2.68 0.21 0.02
C GLY A 227 -4.00 -0.54 -0.01
N ALA A 228 -5.09 0.21 0.04
CA ALA A 228 -6.41 -0.42 0.02
C ALA A 228 -6.63 -1.17 -1.28
N SER A 229 -6.38 -0.52 -2.41
CA SER A 229 -6.71 -1.18 -3.67
C SER A 229 -5.81 -2.39 -3.90
N ILE A 230 -4.51 -2.27 -3.64
CA ILE A 230 -3.62 -3.40 -3.83
C ILE A 230 -4.00 -4.54 -2.90
N TYR A 231 -4.34 -4.23 -1.65
CA TYR A 231 -4.59 -5.30 -0.68
C TYR A 231 -5.93 -5.99 -0.93
N PHE A 232 -7.02 -5.21 -0.99
CA PHE A 232 -8.35 -5.81 -1.06
C PHE A 232 -8.62 -6.43 -2.43
N SER A 233 -7.86 -6.02 -3.45
CA SER A 233 -7.93 -6.66 -4.76
C SER A 233 -7.29 -8.04 -4.76
N GLY A 234 -6.49 -8.36 -3.76
CA GLY A 234 -5.70 -9.56 -3.73
C GLY A 234 -4.35 -9.43 -4.40
N LEU A 235 -4.02 -8.25 -4.91
CA LEU A 235 -2.83 -8.06 -5.73
C LEU A 235 -1.55 -8.10 -4.91
N SER A 236 -1.59 -7.84 -3.60
CA SER A 236 -0.38 -7.89 -2.80
C SER A 236 0.10 -9.31 -2.53
N GLU A 237 -0.73 -10.33 -2.76
CA GLU A 237 -0.35 -11.70 -2.41
C GLU A 237 0.94 -12.09 -3.11
N GLY A 238 1.94 -12.49 -2.33
CA GLY A 238 3.19 -12.96 -2.88
C GLY A 238 4.11 -11.88 -3.40
N ALA A 239 3.80 -10.60 -3.18
CA ALA A 239 4.68 -9.53 -3.63
C ALA A 239 5.94 -9.49 -2.77
N SER A 240 7.10 -9.56 -3.42
CA SER A 240 8.36 -9.45 -2.72
C SER A 240 8.91 -8.04 -2.72
N PHE A 241 8.66 -7.28 -3.79
CA PHE A 241 9.27 -5.98 -3.97
C PHE A 241 8.24 -4.95 -4.41
N ILE A 242 8.43 -3.71 -3.97
CA ILE A 242 7.74 -2.55 -4.50
C ILE A 242 8.81 -1.58 -4.99
N THR A 243 8.57 -0.93 -6.13
CA THR A 243 9.54 0.04 -6.62
C THR A 243 8.80 1.11 -7.38
N THR A 244 9.48 2.24 -7.56
CA THR A 244 9.05 3.33 -8.42
C THR A 244 9.94 3.41 -9.65
N TYR A 245 9.44 4.09 -10.68
CA TYR A 245 10.22 4.33 -11.89
C TYR A 245 10.99 5.63 -11.70
N VAL A 246 11.60 6.13 -12.76
CA VAL A 246 12.47 7.30 -12.68
C VAL A 246 11.93 8.39 -13.59
N GLY A 247 12.11 9.64 -13.16
CA GLY A 247 11.82 10.78 -14.00
C GLY A 247 12.75 10.84 -15.20
N HIS A 248 12.37 11.71 -16.15
CA HIS A 248 13.10 11.78 -17.41
C HIS A 248 14.48 12.44 -17.27
N ASN A 249 14.69 13.26 -16.26
CA ASN A 249 15.93 14.04 -16.15
C ASN A 249 16.94 13.28 -15.29
N ALA A 250 18.08 12.92 -15.89
CA ALA A 250 19.11 12.19 -15.17
C ALA A 250 19.69 13.00 -14.01
N GLU A 251 19.55 14.32 -14.04
CA GLU A 251 20.05 15.13 -12.95
C GLU A 251 19.09 15.17 -11.78
N ASP A 252 17.84 14.67 -11.94
CA ASP A 252 16.85 14.74 -10.88
C ASP A 252 15.80 13.66 -11.11
N PRO A 253 16.17 12.39 -11.03
CA PRO A 253 15.26 11.33 -11.49
C PRO A 253 14.33 10.79 -10.43
N TYR A 254 14.50 11.19 -9.16
CA TYR A 254 13.78 10.55 -8.07
C TYR A 254 12.84 11.50 -7.34
N LYS A 255 12.26 12.46 -8.05
CA LYS A 255 11.41 13.43 -7.34
C LYS A 255 10.17 12.75 -6.77
N LEU A 256 9.58 11.81 -7.52
CA LEU A 256 8.42 11.09 -6.99
C LEU A 256 8.84 10.16 -5.85
N ALA A 257 9.91 9.39 -6.06
CA ALA A 257 10.38 8.49 -5.02
C ALA A 257 10.73 9.28 -3.76
N ASN A 258 11.32 10.46 -3.91
CA ASN A 258 11.74 11.20 -2.73
C ASN A 258 10.53 11.65 -1.91
N ILE A 259 9.46 12.07 -2.58
CA ILE A 259 8.26 12.51 -1.88
C ILE A 259 7.57 11.33 -1.20
N MET A 260 7.54 10.17 -1.87
CA MET A 260 6.77 9.03 -1.42
C MET A 260 7.57 8.01 -0.63
N GLU A 261 8.89 8.21 -0.49
CA GLU A 261 9.74 7.21 0.14
C GLU A 261 9.24 6.82 1.53
N HIS A 262 8.96 7.83 2.36
CA HIS A 262 8.56 7.55 3.73
C HIS A 262 7.36 6.61 3.76
N ASP A 263 6.35 6.91 2.94
CA ASP A 263 5.12 6.14 2.93
C ASP A 263 5.28 4.82 2.21
N LEU A 264 6.09 4.76 1.16
CA LEU A 264 6.30 3.49 0.48
C LEU A 264 7.06 2.52 1.37
N LYS A 265 8.00 3.01 2.16
CA LYS A 265 8.65 2.14 3.14
C LYS A 265 7.62 1.53 4.07
N GLY A 266 6.65 2.34 4.53
CA GLY A 266 5.66 1.84 5.47
C GLY A 266 4.71 0.86 4.81
N LEU A 267 4.36 1.11 3.55
CA LEU A 267 3.49 0.18 2.86
C LEU A 267 4.20 -1.16 2.65
N ALA A 268 5.48 -1.12 2.30
CA ALA A 268 6.25 -2.35 2.14
C ALA A 268 6.30 -3.14 3.44
N VAL A 269 6.57 -2.46 4.55
CA VAL A 269 6.53 -3.12 5.86
C VAL A 269 5.19 -3.80 6.07
N SER A 270 4.10 -3.10 5.75
CA SER A 270 2.77 -3.63 6.01
C SER A 270 2.45 -4.83 5.13
N PHE A 271 3.09 -4.93 3.95
CA PHE A 271 2.89 -6.03 3.02
C PHE A 271 3.90 -7.15 3.22
N LYS A 272 4.86 -6.98 4.14
CA LYS A 272 5.96 -7.92 4.32
C LYS A 272 6.79 -8.00 3.04
N GLY A 273 6.95 -6.85 2.39
CA GLY A 273 7.79 -6.73 1.22
C GLY A 273 8.93 -5.77 1.42
N LYS A 274 9.64 -5.44 0.35
CA LYS A 274 10.78 -4.55 0.41
C LYS A 274 10.62 -3.45 -0.63
N TYR A 275 10.85 -2.19 -0.24
CA TYR A 275 10.79 -1.07 -1.16
C TYR A 275 12.20 -0.78 -1.68
N LEU A 276 12.38 -0.87 -3.00
CA LEU A 276 13.66 -0.59 -3.64
C LEU A 276 13.51 0.77 -4.31
N LYS A 277 14.05 1.79 -3.67
CA LYS A 277 13.84 3.15 -4.13
C LYS A 277 14.58 3.42 -5.44
N ASP A 278 15.80 2.91 -5.57
CA ASP A 278 16.67 3.23 -6.69
C ASP A 278 17.02 1.97 -7.48
N LEU A 279 16.04 1.09 -7.69
CA LEU A 279 16.27 -0.04 -8.57
C LEU A 279 16.43 0.40 -10.02
N PHE A 280 15.79 1.49 -10.39
CA PHE A 280 15.92 2.03 -11.74
C PHE A 280 16.87 3.22 -11.71
N LEU A 281 17.76 3.25 -12.69
CA LEU A 281 18.67 4.37 -12.94
C LEU A 281 18.30 5.04 -14.25
N ARG A 282 18.25 6.37 -14.24
CA ARG A 282 18.16 7.18 -15.45
C ARG A 282 19.58 7.65 -15.72
N HIS A 283 20.29 6.96 -16.62
CA HIS A 283 21.69 7.30 -16.84
C HIS A 283 21.87 8.46 -17.81
N THR A 284 20.85 8.77 -18.59
CA THR A 284 20.86 9.87 -19.55
C THR A 284 19.47 10.49 -19.56
N THR A 285 19.42 11.80 -19.75
CA THR A 285 18.14 12.50 -19.82
C THR A 285 17.38 12.10 -21.08
N ALA A 286 16.06 11.91 -20.92
CA ALA A 286 15.21 11.44 -22.02
C ALA A 286 14.11 12.46 -22.29
N ILE A 287 13.32 12.16 -23.33
CA ILE A 287 12.08 12.89 -23.60
C ILE A 287 11.00 12.39 -22.65
N LYS A 288 10.31 13.33 -22.00
CA LYS A 288 9.24 12.94 -21.08
C LYS A 288 8.14 12.21 -21.83
N SER A 289 7.76 11.03 -21.33
CA SER A 289 6.75 10.21 -21.97
C SER A 289 6.30 9.08 -21.06
N GLN A 290 4.99 8.90 -20.91
CA GLN A 290 4.46 7.86 -20.05
C GLN A 290 3.36 7.06 -20.74
N VAL A 299 5.61 9.71 -28.59
CA VAL A 299 7.04 9.59 -28.32
C VAL A 299 7.45 8.12 -28.40
N ASN A 300 8.54 7.85 -29.11
CA ASN A 300 8.97 6.46 -29.29
C ASN A 300 9.52 5.90 -27.99
N ILE A 301 9.22 4.62 -27.73
CA ILE A 301 9.61 4.00 -26.46
C ILE A 301 11.12 3.81 -26.35
N THR A 302 11.85 3.85 -27.47
CA THR A 302 13.30 3.76 -27.39
C THR A 302 13.89 4.89 -26.55
N SER A 303 13.20 6.02 -26.46
CA SER A 303 13.71 7.14 -25.67
C SER A 303 13.83 6.74 -24.21
N GLN A 304 12.90 5.89 -23.74
CA GLN A 304 12.97 5.38 -22.38
C GLN A 304 13.98 4.25 -22.27
N ILE A 305 13.88 3.26 -23.16
CA ILE A 305 14.73 2.07 -23.06
C ILE A 305 16.20 2.46 -23.11
N ASN A 306 16.53 3.44 -23.94
CA ASN A 306 17.92 3.79 -24.18
C ASN A 306 18.49 4.70 -23.12
N THR A 307 17.71 5.09 -22.11
CA THR A 307 18.18 6.00 -21.09
C THR A 307 18.03 5.47 -19.67
N VAL A 308 17.57 4.23 -19.48
CA VAL A 308 17.46 3.64 -18.16
C VAL A 308 18.05 2.24 -18.13
N ASN A 309 18.34 1.76 -16.91
CA ASN A 309 18.59 0.34 -16.68
C ASN A 309 18.36 0.03 -15.20
N LEU A 310 18.49 -1.24 -14.85
CA LEU A 310 18.39 -1.64 -13.45
C LEU A 310 19.70 -1.34 -12.74
N ASN A 311 19.59 -0.90 -11.50
CA ASN A 311 20.74 -0.63 -10.66
C ASN A 311 21.30 -1.93 -10.09
N PRO A 312 22.53 -2.33 -10.45
CA PRO A 312 23.09 -3.55 -9.86
C PRO A 312 23.37 -3.44 -8.37
N ALA A 313 23.35 -2.23 -7.79
CA ALA A 313 23.63 -2.05 -6.37
C ALA A 313 22.68 -1.01 -5.79
N PRO A 314 21.39 -1.32 -5.75
CA PRO A 314 20.43 -0.40 -5.11
C PRO A 314 20.63 -0.40 -3.60
N ILE A 315 19.99 0.55 -2.95
CA ILE A 315 20.04 0.63 -1.49
C ILE A 315 19.27 -0.57 -0.92
N LYS A 316 19.98 -1.41 -0.15
CA LYS A 316 19.37 -2.54 0.53
C LYS A 316 18.79 -2.12 1.88
N ASN A 317 19.45 -1.19 2.55
CA ASN A 317 19.10 -0.78 3.91
C ASN A 317 18.84 0.72 3.87
N LEU A 318 17.56 1.09 3.76
CA LEU A 318 17.21 2.50 3.65
C LEU A 318 17.50 3.27 4.94
N ILE A 319 17.81 2.57 6.03
CA ILE A 319 18.24 3.24 7.25
C ILE A 319 19.72 3.61 7.16
N THR A 320 20.56 2.65 6.77
CA THR A 320 21.99 2.89 6.72
C THR A 320 22.43 3.53 5.42
N GLY A 321 21.77 3.18 4.32
CA GLY A 321 22.30 3.49 3.00
C GLY A 321 23.13 2.38 2.42
N GLU A 322 23.27 1.27 3.13
CA GLU A 322 24.03 0.13 2.64
C GLU A 322 23.38 -0.41 1.37
N ARG A 323 24.22 -0.67 0.37
CA ARG A 323 23.75 -1.16 -0.92
C ARG A 323 23.98 -2.65 -1.05
N TYR A 324 23.15 -3.29 -1.87
CA TYR A 324 23.40 -4.67 -2.26
C TYR A 324 24.84 -4.82 -2.75
N THR A 325 25.50 -5.90 -2.35
CA THR A 325 26.82 -6.20 -2.88
C THR A 325 26.75 -7.02 -4.17
N ASN A 326 25.63 -7.70 -4.40
CA ASN A 326 25.32 -8.36 -5.66
C ASN A 326 23.92 -7.95 -6.10
N PRO A 327 23.65 -7.94 -7.41
CA PRO A 327 22.32 -7.52 -7.87
C PRO A 327 21.22 -8.25 -7.12
N PRO A 328 20.13 -7.57 -6.79
CA PRO A 328 19.01 -8.25 -6.13
C PRO A 328 18.57 -9.47 -6.92
N LYS A 329 18.19 -10.52 -6.20
CA LYS A 329 17.66 -11.74 -6.80
C LYS A 329 16.21 -11.47 -7.20
N LEU A 330 15.98 -11.25 -8.49
CA LEU A 330 14.65 -10.92 -8.99
C LEU A 330 13.98 -12.08 -9.70
N LYS A 331 14.71 -13.11 -10.10
CA LYS A 331 14.11 -14.18 -10.88
C LYS A 331 12.96 -14.83 -10.12
N GLY A 332 11.81 -14.93 -10.78
CA GLY A 332 10.64 -15.52 -10.16
C GLY A 332 10.03 -14.73 -9.03
N LYS A 333 10.48 -13.48 -8.82
CA LYS A 333 9.98 -12.61 -7.76
C LYS A 333 8.90 -11.70 -8.32
N LYS A 334 7.83 -11.50 -7.56
CA LYS A 334 6.75 -10.59 -7.93
C LYS A 334 7.10 -9.18 -7.47
N ILE A 335 7.03 -8.22 -8.39
CA ILE A 335 7.43 -6.85 -8.13
C ILE A 335 6.31 -5.93 -8.59
N LEU A 336 5.90 -5.03 -7.69
CA LEU A 336 4.91 -4.01 -7.99
C LEU A 336 5.62 -2.73 -8.38
N VAL A 337 5.43 -2.30 -9.62
CA VAL A 337 6.03 -1.08 -10.16
C VAL A 337 4.96 0.02 -10.08
N ILE A 338 5.24 1.07 -9.32
CA ILE A 338 4.26 2.15 -9.11
C ILE A 338 4.75 3.42 -9.78
N ASP A 339 3.89 4.03 -10.60
CA ASP A 339 4.17 5.31 -11.22
C ASP A 339 2.96 6.21 -11.07
N ASP A 340 3.13 7.51 -11.34
CA ASP A 340 2.02 8.41 -11.11
C ASP A 340 1.02 8.39 -12.27
N PHE A 341 1.48 8.65 -13.49
CA PHE A 341 0.61 8.72 -14.66
C PHE A 341 0.91 7.59 -15.64
N CYS A 342 -0.13 7.03 -16.24
CA CYS A 342 -0.01 6.13 -17.38
C CYS A 342 -0.83 6.71 -18.52
N THR A 343 -0.15 7.09 -19.60
CA THR A 343 -0.83 7.62 -20.77
C THR A 343 -0.82 6.53 -21.84
N GLU A 344 0.28 6.38 -22.57
CA GLU A 344 0.41 5.33 -23.57
C GLU A 344 1.29 4.17 -23.10
N GLY A 345 1.90 4.29 -21.93
CA GLY A 345 2.57 3.17 -21.32
C GLY A 345 4.05 3.06 -21.58
N ASN A 346 4.68 4.09 -22.16
CA ASN A 346 6.08 3.98 -22.51
C ASN A 346 6.96 3.75 -21.28
N ALA A 347 6.64 4.41 -20.17
CA ALA A 347 7.41 4.23 -18.94
C ALA A 347 7.22 2.85 -18.36
N HIS A 348 5.97 2.43 -18.14
CA HIS A 348 5.71 1.13 -17.56
C HIS A 348 6.22 0.00 -18.44
N GLU A 349 6.04 0.11 -19.76
CA GLU A 349 6.52 -0.94 -20.64
C GLU A 349 8.04 -1.06 -20.60
N THR A 350 8.75 0.04 -20.43
CA THR A 350 10.20 -0.01 -20.30
C THR A 350 10.60 -0.62 -18.97
N ALA A 351 9.94 -0.20 -17.88
CA ALA A 351 10.16 -0.83 -16.58
C ALA A 351 9.92 -2.34 -16.67
N ARG A 352 8.82 -2.74 -17.31
CA ARG A 352 8.51 -4.17 -17.44
C ARG A 352 9.57 -4.87 -18.29
N MET A 353 10.04 -4.23 -19.35
CA MET A 353 11.02 -4.86 -20.23
C MET A 353 12.29 -5.19 -19.46
N TYR A 354 12.79 -4.24 -18.67
CA TYR A 354 14.02 -4.49 -17.91
C TYR A 354 13.80 -5.54 -16.84
N LEU A 355 12.70 -5.45 -16.10
CA LEU A 355 12.47 -6.40 -15.01
C LEU A 355 12.18 -7.81 -15.55
N LYS A 356 11.42 -7.90 -16.63
CA LYS A 356 11.18 -9.19 -17.25
C LYS A 356 12.48 -9.80 -17.72
N ALA A 357 13.37 -8.98 -18.29
CA ALA A 357 14.66 -9.50 -18.75
C ALA A 357 15.47 -10.05 -17.59
N ALA A 358 15.27 -9.51 -16.39
CA ALA A 358 15.92 -10.01 -15.19
C ALA A 358 15.16 -11.14 -14.55
N GLY A 359 14.06 -11.58 -15.15
CA GLY A 359 13.35 -12.75 -14.68
C GLY A 359 12.22 -12.49 -13.70
N ALA A 360 11.86 -11.24 -13.49
CA ALA A 360 10.84 -10.93 -12.51
C ALA A 360 9.45 -11.06 -13.11
N ASN A 361 8.46 -11.22 -12.22
CA ASN A 361 7.04 -11.18 -12.55
C ASN A 361 6.51 -9.81 -12.18
N VAL A 362 6.08 -9.04 -13.19
CA VAL A 362 5.90 -7.60 -13.06
C VAL A 362 4.42 -7.23 -13.01
N ILE A 363 4.09 -6.34 -12.09
CA ILE A 363 2.78 -5.69 -12.01
C ILE A 363 2.99 -4.20 -12.20
N ASN A 364 2.26 -3.60 -13.15
CA ASN A 364 2.42 -2.19 -13.49
C ASN A 364 1.23 -1.42 -12.94
N ILE A 365 1.47 -0.62 -11.91
CA ILE A 365 0.43 0.12 -11.20
C ILE A 365 0.63 1.62 -11.39
N SER A 366 -0.46 2.33 -11.66
CA SER A 366 -0.43 3.78 -11.80
C SER A 366 -1.47 4.43 -10.92
N TRP A 367 -1.15 5.62 -10.41
CA TRP A 367 -2.16 6.41 -9.72
C TRP A 367 -3.26 6.83 -10.68
N LEU A 368 -2.88 7.27 -11.88
CA LEU A 368 -3.78 7.94 -12.80
C LEU A 368 -3.61 7.40 -14.21
N LYS A 369 -4.72 7.07 -14.85
CA LYS A 369 -4.74 6.61 -16.23
C LYS A 369 -5.37 7.71 -17.09
N THR A 370 -4.61 8.22 -18.05
CA THR A 370 -5.12 9.28 -18.92
C THR A 370 -6.24 8.74 -19.79
N ILE A 371 -7.36 9.45 -19.84
CA ILE A 371 -8.53 8.94 -20.54
C ILE A 371 -8.28 8.97 -22.04
N ASN A 372 -8.95 8.07 -22.76
CA ASN A 372 -8.94 8.07 -24.22
C ASN A 372 -7.52 7.95 -24.77
N ARG A 373 -6.67 7.23 -24.06
CA ARG A 373 -5.33 6.92 -24.53
C ARG A 373 -5.07 5.44 -24.27
N ASP A 374 -4.71 4.72 -25.32
CA ASP A 374 -4.47 3.29 -25.24
C ASP A 374 -3.01 3.00 -24.89
N VAL A 375 -2.80 1.86 -24.25
CA VAL A 375 -1.47 1.41 -23.86
C VAL A 375 -0.96 0.44 -24.91
N SER A 376 0.15 0.79 -25.55
CA SER A 376 0.80 -0.08 -26.52
C SER A 376 1.76 -1.02 -25.79
N ILE A 377 1.56 -2.32 -25.98
CA ILE A 377 2.41 -3.33 -25.37
C ILE A 377 3.55 -3.65 -26.32
N CYS A 378 4.76 -3.75 -25.77
CA CYS A 378 5.99 -3.85 -26.55
C CYS A 378 6.83 -5.01 -26.05
N GLU A 379 7.59 -5.62 -26.96
CA GLU A 379 8.57 -6.65 -26.62
C GLU A 379 9.81 -6.42 -27.47
N PRO A 380 11.01 -6.59 -26.90
CA PRO A 380 12.23 -6.35 -27.68
C PRO A 380 12.57 -7.53 -28.56
N THR A 381 13.01 -7.22 -29.78
CA THR A 381 13.49 -8.24 -30.71
C THR A 381 14.93 -8.63 -30.41
N ARG A 382 15.68 -7.73 -29.77
CA ARG A 382 17.05 -7.99 -29.38
C ARG A 382 17.13 -8.13 -27.86
N LYS A 383 18.14 -8.84 -27.41
CA LYS A 383 18.27 -9.15 -26.00
C LYS A 383 18.71 -7.94 -25.19
N ILE A 384 18.16 -7.82 -23.99
CA ILE A 384 18.42 -6.72 -23.08
C ILE A 384 19.44 -7.19 -22.04
N ARG A 385 20.45 -6.36 -21.78
CA ARG A 385 21.35 -6.54 -20.63
C ARG A 385 20.76 -5.70 -19.51
N PRO A 386 19.95 -6.27 -18.61
CA PRO A 386 19.11 -5.41 -17.75
C PRO A 386 19.87 -4.53 -16.77
N TRP A 387 21.09 -4.91 -16.38
CA TRP A 387 21.84 -4.23 -15.33
C TRP A 387 22.84 -3.21 -15.88
N GLU A 388 22.68 -2.81 -17.13
CA GLU A 388 23.55 -1.81 -17.74
C GLU A 388 22.79 -1.13 -18.86
N ALA A 389 23.43 -0.09 -19.41
CA ALA A 389 22.81 0.66 -20.49
C ALA A 389 22.63 -0.22 -21.72
N ASN A 390 21.50 0.00 -22.41
CA ASN A 390 21.19 -0.62 -23.68
C ASN A 390 20.81 0.46 -24.68
N THR A 391 21.09 0.21 -25.96
CA THR A 391 20.74 1.15 -27.03
C THR A 391 20.05 0.36 -28.12
N LEU A 392 18.73 0.54 -28.24
CA LEU A 392 17.93 -0.16 -29.22
C LEU A 392 17.49 0.77 -30.35
N ASP A 393 17.37 0.21 -31.54
CA ASP A 393 16.77 0.91 -32.66
C ASP A 393 15.24 0.77 -32.60
N VAL A 394 14.56 1.68 -33.27
CA VAL A 394 13.10 1.59 -33.34
C VAL A 394 12.68 0.27 -33.96
N ASP A 395 13.51 -0.28 -34.86
CA ASP A 395 13.22 -1.58 -35.48
C ASP A 395 13.38 -2.74 -34.52
N ASP A 396 13.98 -2.52 -33.35
CA ASP A 396 14.17 -3.57 -32.37
C ASP A 396 12.96 -3.75 -31.47
N ILE A 397 11.86 -3.04 -31.76
CA ILE A 397 10.65 -3.08 -30.93
C ILE A 397 9.56 -3.84 -31.69
N ASN A 398 8.95 -4.80 -31.03
CA ASN A 398 7.80 -5.54 -31.56
C ASN A 398 6.56 -5.05 -30.81
N TYR A 399 5.65 -4.39 -31.53
CA TYR A 399 4.40 -3.89 -30.96
C TYR A 399 3.38 -5.02 -31.03
N VAL A 400 3.19 -5.72 -29.92
CA VAL A 400 2.45 -6.98 -29.97
C VAL A 400 0.96 -6.84 -29.63
N GLY A 401 0.53 -5.70 -29.12
CA GLY A 401 -0.87 -5.55 -28.80
C GLY A 401 -1.15 -4.24 -28.09
N THR A 402 -2.38 -4.14 -27.59
CA THR A 402 -2.88 -2.90 -27.01
C THR A 402 -3.83 -3.24 -25.86
N ILE A 403 -3.66 -2.53 -24.74
CA ILE A 403 -4.64 -2.53 -23.65
C ILE A 403 -5.39 -1.22 -23.79
N GLY A 404 -6.56 -1.26 -24.44
CA GLY A 404 -7.28 -0.05 -24.72
C GLY A 404 -7.83 0.59 -23.46
N TYR A 405 -8.21 1.87 -23.59
CA TYR A 405 -8.78 2.56 -22.46
C TYR A 405 -10.26 2.22 -22.27
N ALA A 406 -11.08 2.56 -23.26
CA ALA A 406 -12.53 2.43 -23.08
C ALA A 406 -12.92 1.02 -22.69
N GLU A 407 -12.27 0.01 -23.27
CA GLU A 407 -12.66 -1.37 -23.04
C GLU A 407 -12.34 -1.83 -21.63
N ASN A 408 -11.48 -1.12 -20.90
CA ASN A 408 -10.98 -1.62 -19.63
C ASN A 408 -11.30 -0.70 -18.46
N VAL A 409 -12.07 0.37 -18.69
CA VAL A 409 -12.55 1.18 -17.58
C VAL A 409 -13.56 0.39 -16.76
N THR A 410 -13.43 0.47 -15.44
CA THR A 410 -14.33 -0.26 -14.55
C THR A 410 -15.63 0.53 -14.34
N HIS A 411 -16.68 -0.19 -13.99
CA HIS A 411 -18.01 0.40 -13.89
C HIS A 411 -18.01 1.59 -12.92
N GLY A 412 -18.61 2.70 -13.36
CA GLY A 412 -18.72 3.89 -12.55
C GLY A 412 -17.49 4.77 -12.52
N SER A 413 -16.41 4.39 -13.20
CA SER A 413 -15.16 5.15 -13.15
C SER A 413 -15.15 6.22 -14.22
N ALA A 414 -14.92 7.47 -13.81
CA ALA A 414 -14.84 8.60 -14.72
C ALA A 414 -13.80 9.57 -14.18
N PRO A 415 -13.26 10.44 -15.05
CA PRO A 415 -12.27 11.41 -14.55
C PRO A 415 -12.84 12.33 -13.48
N GLN A 416 -14.16 12.38 -13.33
CA GLN A 416 -14.79 13.26 -12.36
C GLN A 416 -14.72 12.71 -10.94
N VAL A 417 -14.41 11.42 -10.77
CA VAL A 417 -14.51 10.86 -9.43
C VAL A 417 -13.29 11.22 -8.58
N LEU A 418 -12.11 11.38 -9.19
CA LEU A 418 -10.92 11.66 -8.40
C LEU A 418 -11.10 12.95 -7.61
N SER A 419 -11.56 14.01 -8.27
CA SER A 419 -11.86 15.27 -7.59
C SER A 419 -12.76 15.02 -6.38
N GLU A 420 -13.82 14.25 -6.58
CA GLU A 420 -14.76 14.01 -5.49
C GLU A 420 -14.15 13.14 -4.40
N LYS A 421 -13.27 12.21 -4.78
CA LYS A 421 -12.63 11.37 -3.77
C LYS A 421 -11.64 12.16 -2.92
N ILE A 422 -10.84 13.03 -3.54
CA ILE A 422 -9.93 13.85 -2.76
C ILE A 422 -10.71 14.77 -1.82
N GLN A 423 -11.80 15.36 -2.32
CA GLN A 423 -12.61 16.23 -1.47
C GLN A 423 -13.21 15.46 -0.30
N GLN A 424 -13.74 14.27 -0.57
CA GLN A 424 -14.29 13.42 0.49
C GLN A 424 -13.22 13.08 1.52
N TYR A 425 -12.01 12.79 1.06
CA TYR A 425 -10.93 12.46 1.97
C TYR A 425 -10.48 13.69 2.77
N ASP A 426 -10.27 14.82 2.09
CA ASP A 426 -9.69 15.99 2.74
C ASP A 426 -10.63 16.55 3.80
N ASN A 427 -11.94 16.42 3.59
CA ASN A 427 -12.93 17.00 4.49
C ASN A 427 -13.64 15.96 5.33
N TRP A 428 -13.08 14.75 5.42
CA TRP A 428 -13.75 13.66 6.10
C TRP A 428 -13.91 13.98 7.59
N ASP A 429 -15.06 13.59 8.13
CA ASP A 429 -15.34 13.70 9.55
C ASP A 429 -16.29 12.57 9.93
N TRP A 430 -16.38 12.30 11.23
CA TRP A 430 -17.28 11.28 11.72
C TRP A 430 -18.70 11.57 11.21
N PRO A 431 -19.38 10.60 10.62
CA PRO A 431 -20.75 10.84 10.12
C PRO A 431 -21.76 10.83 11.26
N GLN A 432 -23.01 11.14 10.93
CA GLN A 432 -24.11 11.11 11.89
C GLN A 432 -25.26 10.26 11.35
P PO4 B . -1.65 -9.00 25.59
O1 PO4 B . -2.00 -9.28 24.13
O2 PO4 B . -0.78 -10.12 26.11
O3 PO4 B . -0.89 -7.69 25.67
O4 PO4 B . -2.90 -8.91 26.42
P PO4 C . 5.85 8.96 23.99
O1 PO4 C . 4.58 8.85 23.20
O2 PO4 C . 6.58 7.64 23.99
O3 PO4 C . 6.73 10.02 23.38
O4 PO4 C . 5.52 9.35 25.42
#